data_6YU8
#
_entry.id   6YU8
#
_cell.length_a   153.761
_cell.length_b   153.761
_cell.length_c   105.354
_cell.angle_alpha   90.000
_cell.angle_beta   90.000
_cell.angle_gamma   120.000
#
_symmetry.space_group_name_H-M   'P 62 2 2'
#
loop_
_entity.id
_entity.type
_entity.pdbx_description
1 polymer 'Methyltransferase domain of the L protein'
2 polymer 'VHH antiboby'
3 non-polymer GLYCEROL
4 non-polymer DI(HYDROXYETHYL)ETHER
5 non-polymer 'SODIUM ION'
6 non-polymer 'CHLORIDE ION'
7 non-polymer 'MAGNESIUM ION'
8 water water
#
loop_
_entity_poly.entity_id
_entity_poly.type
_entity_poly.pdbx_seq_one_letter_code
_entity_poly.pdbx_strand_id
1 'polypeptide(L)'
;MHHHHHHEDHNAKEFPSNPHRLVVPFFKLTKDGEYSIEPSPEESRSNIKGLLQHLRTMVDTTIYCRFTGIVSSMHYKLDE
VLWEYNKFESAVTLAEGEGSGALLLIQKYGVKKLFLNTLATEHSIESEVISGYTTPRMLLPIMPKTHRGELEVILNNSAS
QITDITHRDWFSNQKNRIPNDADIITMDAETTENLDRSRLYEAVYTIICNHINPKTLKVVILKVFLSDLDGMCWINNYLA
PMFGSGYLIKPITSSAKSSEWYLCLSNLLSTLRTTQHQTQANCLHVVQCALQQQVQRGSYWLHHLTKYTT
;
A
2 'polypeptide(L)'
;DVQLVESGGGSVQAGGSLRLSCAASGRTFSRPVMAWFRQAPGKEREFVVAITWSGIRTSYADSVKGRFTISVDNAKDTVY
LQMNSLKPEDTAVYYCAAGALPRTAHYEYDYWGLGTQVTVSSHHHHHH
;
B
#
# COMPACT_ATOMS: atom_id res chain seq x y z
N PRO A 19 -5.45 -1.97 -27.75
CA PRO A 19 -5.04 -1.28 -28.99
C PRO A 19 -5.36 0.22 -28.92
N HIS A 20 -6.60 0.56 -28.59
CA HIS A 20 -7.01 1.95 -28.38
C HIS A 20 -6.80 2.37 -26.90
N ARG A 21 -6.69 1.37 -25.99
CA ARG A 21 -6.45 1.46 -24.57
C ARG A 21 -5.00 1.90 -24.29
N LEU A 22 -4.80 3.00 -23.55
CA LEU A 22 -3.43 3.48 -23.24
C LEU A 22 -2.90 2.86 -21.93
N VAL A 23 -2.11 1.79 -22.06
CA VAL A 23 -1.63 0.98 -20.94
C VAL A 23 -0.13 0.76 -21.08
N VAL A 24 0.63 1.06 -20.03
CA VAL A 24 2.08 0.91 -20.00
C VAL A 24 2.44 0.07 -18.78
N PRO A 25 3.16 -1.05 -18.91
CA PRO A 25 3.58 -1.81 -17.72
C PRO A 25 4.46 -0.92 -16.85
N PHE A 26 4.16 -0.84 -15.54
CA PHE A 26 4.93 -0.01 -14.63
C PHE A 26 6.33 -0.62 -14.41
N PHE A 27 6.42 -1.95 -14.42
CA PHE A 27 7.63 -2.76 -14.29
C PHE A 27 7.41 -4.07 -15.07
N LYS A 28 8.49 -4.67 -15.56
CA LYS A 28 8.46 -5.92 -16.31
C LYS A 28 9.81 -6.64 -16.21
N ILE A 37 20.70 -0.84 -21.52
CA ILE A 37 20.12 -0.45 -22.81
C ILE A 37 19.07 0.66 -22.62
N GLU A 38 19.30 1.58 -21.68
CA GLU A 38 18.35 2.65 -21.40
C GLU A 38 19.03 3.97 -21.03
N PRO A 39 18.36 5.12 -21.27
CA PRO A 39 18.99 6.40 -20.95
C PRO A 39 19.29 6.62 -19.46
N SER A 40 20.11 7.63 -19.20
CA SER A 40 20.46 8.01 -17.86
C SER A 40 19.23 8.67 -17.21
N PRO A 41 19.18 8.70 -15.88
CA PRO A 41 18.10 9.44 -15.20
C PRO A 41 18.11 10.92 -15.61
N GLU A 42 19.29 11.49 -15.90
CA GLU A 42 19.39 12.89 -16.33
C GLU A 42 18.68 13.09 -17.67
N GLU A 43 18.87 12.16 -18.62
CA GLU A 43 18.20 12.23 -19.91
C GLU A 43 16.70 12.01 -19.73
N SER A 44 16.30 11.03 -18.92
CA SER A 44 14.87 10.77 -18.66
C SER A 44 14.20 12.01 -18.06
N ARG A 45 14.83 12.64 -17.06
CA ARG A 45 14.28 13.81 -16.39
C ARG A 45 14.14 14.99 -17.35
N SER A 46 15.14 15.16 -18.22
CA SER A 46 15.10 16.23 -19.22
C SER A 46 13.98 15.96 -20.24
N ASN A 47 13.88 14.71 -20.76
CA ASN A 47 12.81 14.36 -21.70
C ASN A 47 11.43 14.53 -21.08
N ILE A 48 11.30 14.15 -19.78
CA ILE A 48 10.02 14.28 -19.07
C ILE A 48 9.62 15.75 -18.96
N LYS A 49 10.58 16.63 -18.62
CA LYS A 49 10.33 18.07 -18.49
C LYS A 49 9.81 18.63 -19.83
N GLY A 50 10.42 18.21 -20.93
CA GLY A 50 9.99 18.58 -22.27
C GLY A 50 8.61 18.09 -22.65
N LEU A 51 8.32 16.82 -22.34
CA LEU A 51 7.01 16.23 -22.60
C LEU A 51 5.90 16.92 -21.80
N LEU A 52 6.17 17.26 -20.53
CA LEU A 52 5.19 17.95 -19.69
C LEU A 52 4.93 19.37 -20.23
N GLN A 53 5.98 20.06 -20.73
CA GLN A 53 5.84 21.39 -21.33
C GLN A 53 4.96 21.30 -22.58
N HIS A 54 5.18 20.29 -23.40
CA HIS A 54 4.42 20.08 -24.64
C HIS A 54 2.94 19.81 -24.32
N LEU A 55 2.65 18.93 -23.34
CA LEU A 55 1.28 18.62 -22.93
C LEU A 55 0.57 19.87 -22.42
N ARG A 56 1.29 20.71 -21.67
CA ARG A 56 0.80 21.95 -21.08
C ARG A 56 0.45 23.01 -22.16
N THR A 57 1.16 22.97 -23.29
CA THR A 57 1.03 23.92 -24.40
C THR A 57 -0.06 23.49 -25.37
N MET A 58 -0.13 22.18 -25.66
CA MET A 58 -1.06 21.47 -26.55
C MET A 58 -2.36 22.21 -26.88
N VAL A 71 -23.88 11.87 -17.57
CA VAL A 71 -24.16 11.68 -16.15
C VAL A 71 -22.97 12.12 -15.32
N SER A 72 -23.13 13.18 -14.53
CA SER A 72 -22.04 13.72 -13.69
C SER A 72 -21.69 12.84 -12.47
N SER A 73 -22.46 11.79 -12.22
CA SER A 73 -22.21 10.86 -11.11
C SER A 73 -21.40 9.61 -11.53
N MET A 74 -21.15 9.42 -12.84
CA MET A 74 -20.43 8.27 -13.37
C MET A 74 -18.91 8.47 -13.34
N HIS A 75 -18.17 7.55 -12.68
CA HIS A 75 -16.69 7.67 -12.67
C HIS A 75 -16.17 6.92 -13.90
N TYR A 76 -16.20 7.58 -15.07
CA TYR A 76 -15.79 6.95 -16.32
C TYR A 76 -14.33 6.49 -16.27
N LYS A 77 -13.47 7.32 -15.67
CA LYS A 77 -12.03 7.00 -15.58
C LYS A 77 -11.80 5.70 -14.82
N LEU A 78 -12.39 5.55 -13.61
CA LEU A 78 -12.20 4.32 -12.83
C LEU A 78 -12.80 3.11 -13.56
N ASP A 79 -13.93 3.30 -14.26
CA ASP A 79 -14.54 2.20 -15.02
C ASP A 79 -13.58 1.70 -16.12
N GLU A 80 -12.86 2.60 -16.80
CA GLU A 80 -11.88 2.21 -17.83
C GLU A 80 -10.69 1.50 -17.19
N VAL A 81 -10.26 1.96 -15.99
CA VAL A 81 -9.16 1.31 -15.27
C VAL A 81 -9.52 -0.14 -14.93
N LEU A 82 -10.78 -0.36 -14.54
CA LEU A 82 -11.29 -1.67 -14.14
C LEU A 82 -11.84 -2.52 -15.29
N TRP A 83 -11.39 -2.28 -16.54
CA TRP A 83 -11.82 -3.04 -17.71
C TRP A 83 -11.68 -4.56 -17.56
N GLU A 84 -10.61 -5.07 -16.91
CA GLU A 84 -10.43 -6.52 -16.75
C GLU A 84 -11.25 -7.12 -15.62
N TYR A 85 -11.94 -6.30 -14.82
CA TYR A 85 -12.67 -6.79 -13.66
C TYR A 85 -14.15 -6.59 -13.81
N ASN A 86 -14.93 -7.39 -13.08
CA ASN A 86 -16.38 -7.22 -13.12
C ASN A 86 -17.04 -7.23 -11.76
N LYS A 87 -16.35 -7.69 -10.71
CA LYS A 87 -16.97 -7.76 -9.39
C LYS A 87 -15.96 -7.61 -8.24
N PHE A 88 -16.37 -6.93 -7.16
CA PHE A 88 -15.64 -6.80 -5.89
C PHE A 88 -16.64 -6.90 -4.73
N GLU A 89 -16.19 -7.32 -3.55
CA GLU A 89 -17.06 -7.48 -2.40
C GLU A 89 -16.88 -6.43 -1.30
N SER A 90 -15.63 -6.01 -1.03
CA SER A 90 -15.32 -5.13 0.09
C SER A 90 -14.30 -4.08 -0.37
N ALA A 91 -14.69 -2.80 -0.35
CA ALA A 91 -13.81 -1.75 -0.88
C ALA A 91 -13.41 -0.75 0.17
N VAL A 92 -12.19 -0.21 0.01
CA VAL A 92 -11.72 0.90 0.85
C VAL A 92 -11.42 2.01 -0.18
N THR A 93 -12.25 3.08 -0.21
CA THR A 93 -12.09 4.17 -1.18
C THR A 93 -11.62 5.42 -0.43
N LEU A 94 -10.40 5.88 -0.73
CA LEU A 94 -9.78 7.01 -0.03
C LEU A 94 -9.72 8.22 -0.91
N ALA A 95 -9.76 9.42 -0.31
CA ALA A 95 -9.73 10.74 -1.00
C ALA A 95 -10.72 10.74 -2.18
N GLU A 96 -11.95 10.37 -1.85
CA GLU A 96 -13.05 10.14 -2.80
C GLU A 96 -13.79 11.36 -3.30
N GLY A 97 -13.56 12.54 -2.72
CA GLY A 97 -14.25 13.74 -3.17
C GLY A 97 -15.76 13.63 -3.03
N GLU A 98 -16.47 13.71 -4.16
CA GLU A 98 -17.94 13.56 -4.15
C GLU A 98 -18.41 12.12 -3.98
N GLY A 99 -17.53 11.14 -4.22
CA GLY A 99 -17.87 9.73 -4.02
C GLY A 99 -18.34 8.97 -5.24
N SER A 100 -18.00 9.46 -6.46
CA SER A 100 -18.42 8.78 -7.69
C SER A 100 -17.73 7.44 -7.89
N GLY A 101 -16.52 7.28 -7.37
CA GLY A 101 -15.81 6.01 -7.46
C GLY A 101 -16.49 4.97 -6.59
N ALA A 102 -16.88 5.36 -5.36
CA ALA A 102 -17.59 4.48 -4.43
C ALA A 102 -18.94 4.10 -5.06
N LEU A 103 -19.64 5.08 -5.69
CA LEU A 103 -20.93 4.81 -6.35
C LEU A 103 -20.76 3.77 -7.46
N LEU A 104 -19.71 3.90 -8.30
CA LEU A 104 -19.43 2.94 -9.36
C LEU A 104 -19.19 1.53 -8.79
N LEU A 105 -18.35 1.43 -7.75
CA LEU A 105 -18.05 0.12 -7.15
C LEU A 105 -19.29 -0.55 -6.57
N ILE A 106 -20.21 0.24 -5.96
CA ILE A 106 -21.44 -0.35 -5.41
C ILE A 106 -22.42 -0.71 -6.54
N GLN A 107 -22.74 0.24 -7.42
CA GLN A 107 -23.74 0.01 -8.47
C GLN A 107 -23.35 -0.97 -9.57
N LYS A 108 -22.12 -0.89 -10.08
CA LYS A 108 -21.70 -1.72 -11.20
C LYS A 108 -20.87 -2.94 -10.76
N TYR A 109 -20.05 -2.80 -9.73
CA TYR A 109 -19.17 -3.91 -9.31
C TYR A 109 -19.73 -4.75 -8.14
N GLY A 110 -20.93 -4.42 -7.66
CA GLY A 110 -21.62 -5.19 -6.63
C GLY A 110 -20.97 -5.23 -5.26
N VAL A 111 -20.18 -4.21 -4.88
CA VAL A 111 -19.55 -4.16 -3.57
C VAL A 111 -20.63 -4.13 -2.47
N LYS A 112 -20.49 -4.98 -1.44
CA LYS A 112 -21.45 -5.08 -0.33
C LYS A 112 -21.02 -4.31 0.91
N LYS A 113 -19.72 -3.97 1.02
CA LYS A 113 -19.21 -3.26 2.17
C LYS A 113 -18.19 -2.28 1.66
N LEU A 114 -18.30 -1.01 2.06
CA LEU A 114 -17.41 0.02 1.55
C LEU A 114 -17.11 1.07 2.58
N PHE A 115 -15.81 1.42 2.69
CA PHE A 115 -15.34 2.48 3.57
C PHE A 115 -15.05 3.66 2.65
N LEU A 116 -15.64 4.81 2.95
CA LEU A 116 -15.49 5.98 2.09
C LEU A 116 -14.85 7.12 2.85
N ASN A 117 -13.66 7.50 2.44
CA ASN A 117 -12.97 8.64 3.01
C ASN A 117 -13.04 9.79 2.02
N THR A 118 -13.30 11.01 2.50
CA THR A 118 -13.29 12.20 1.64
C THR A 118 -13.00 13.44 2.47
N LEU A 119 -12.38 14.46 1.85
CA LEU A 119 -12.12 15.76 2.48
C LEU A 119 -13.39 16.64 2.53
N ALA A 120 -14.46 16.24 1.84
CA ALA A 120 -15.68 17.05 1.82
C ALA A 120 -16.58 16.70 3.00
N THR A 121 -16.86 17.69 3.85
CA THR A 121 -17.84 17.50 4.92
C THR A 121 -19.21 17.92 4.39
N GLU A 122 -20.28 17.67 5.17
CA GLU A 122 -21.64 17.96 4.74
C GLU A 122 -22.36 18.85 5.75
N HIS A 123 -23.34 19.63 5.28
CA HIS A 123 -24.16 20.44 6.20
C HIS A 123 -24.98 19.51 7.09
N SER A 124 -25.05 19.85 8.37
CA SER A 124 -25.75 19.08 9.40
C SER A 124 -27.25 18.93 9.12
N ILE A 125 -27.83 19.81 8.29
CA ILE A 125 -29.26 19.76 8.01
C ILE A 125 -29.66 18.71 6.97
N GLU A 126 -28.71 18.13 6.21
CA GLU A 126 -29.09 17.08 5.25
C GLU A 126 -29.72 15.89 5.98
N SER A 127 -30.82 15.39 5.47
CA SER A 127 -31.60 14.39 6.17
C SER A 127 -31.06 12.98 6.13
N GLU A 128 -30.52 12.53 4.98
CA GLU A 128 -30.09 11.14 4.86
C GLU A 128 -28.78 10.86 5.55
N VAL A 129 -28.77 9.84 6.43
CA VAL A 129 -27.59 9.46 7.18
C VAL A 129 -27.33 7.95 7.09
N ILE A 130 -26.09 7.54 7.30
CA ILE A 130 -25.73 6.12 7.38
C ILE A 130 -24.93 6.01 8.65
N SER A 131 -25.48 5.31 9.66
CA SER A 131 -24.84 5.15 10.97
C SER A 131 -24.47 6.49 11.61
N GLY A 132 -25.37 7.46 11.49
CA GLY A 132 -25.18 8.79 12.05
C GLY A 132 -24.35 9.77 11.23
N TYR A 133 -23.76 9.33 10.11
CA TYR A 133 -22.94 10.23 9.27
C TYR A 133 -23.72 10.65 8.04
N THR A 134 -23.57 11.91 7.60
CA THR A 134 -24.34 12.43 6.48
C THR A 134 -23.95 11.80 5.16
N THR A 135 -24.95 11.24 4.45
CA THR A 135 -24.67 10.61 3.15
C THR A 135 -24.26 11.64 2.10
N PRO A 136 -23.13 11.43 1.41
CA PRO A 136 -22.78 12.33 0.29
C PRO A 136 -23.89 12.32 -0.76
N ARG A 137 -24.17 13.48 -1.35
CA ARG A 137 -25.22 13.63 -2.36
C ARG A 137 -25.16 12.57 -3.48
N MET A 138 -23.95 12.30 -3.99
CA MET A 138 -23.76 11.31 -5.05
C MET A 138 -24.18 9.91 -4.63
N LEU A 139 -24.12 9.58 -3.32
CA LEU A 139 -24.48 8.25 -2.83
C LEU A 139 -25.95 8.11 -2.43
N LEU A 140 -26.76 9.17 -2.57
CA LEU A 140 -28.19 9.05 -2.24
C LEU A 140 -28.92 7.90 -2.97
N PRO A 141 -28.61 7.58 -4.27
CA PRO A 141 -29.32 6.47 -4.92
C PRO A 141 -29.10 5.10 -4.28
N ILE A 142 -28.03 4.91 -3.47
CA ILE A 142 -27.81 3.59 -2.84
C ILE A 142 -28.43 3.49 -1.43
N MET A 143 -29.09 4.54 -0.92
CA MET A 143 -29.72 4.49 0.40
C MET A 143 -30.71 3.30 0.58
N PRO A 144 -31.57 2.95 -0.42
CA PRO A 144 -32.46 1.77 -0.24
C PRO A 144 -31.69 0.47 0.03
N LYS A 145 -30.51 0.26 -0.60
CA LYS A 145 -29.69 -0.93 -0.36
C LYS A 145 -29.26 -1.00 1.11
N THR A 146 -28.94 0.15 1.73
CA THR A 146 -28.53 0.18 3.13
C THR A 146 -29.73 -0.16 4.04
N HIS A 147 -30.94 0.32 3.67
CA HIS A 147 -32.18 0.07 4.40
C HIS A 147 -32.57 -1.40 4.37
N ARG A 148 -32.36 -2.06 3.22
CA ARG A 148 -32.66 -3.49 3.08
C ARG A 148 -31.56 -4.41 3.65
N GLY A 149 -30.54 -3.84 4.30
CA GLY A 149 -29.44 -4.60 4.89
C GLY A 149 -28.53 -5.27 3.88
N GLU A 150 -28.59 -4.86 2.61
CA GLU A 150 -27.76 -5.45 1.55
C GLU A 150 -26.41 -4.73 1.35
N LEU A 151 -26.20 -3.59 1.99
CA LEU A 151 -24.99 -2.79 1.77
C LEU A 151 -24.57 -2.13 3.06
N GLU A 152 -23.29 -2.26 3.40
CA GLU A 152 -22.73 -1.60 4.58
C GLU A 152 -21.80 -0.47 4.11
N VAL A 153 -22.15 0.78 4.37
CA VAL A 153 -21.29 1.91 3.99
C VAL A 153 -20.74 2.52 5.26
N ILE A 154 -19.43 2.69 5.34
CA ILE A 154 -18.77 3.25 6.51
C ILE A 154 -18.19 4.59 6.10
N LEU A 155 -18.83 5.67 6.53
CA LEU A 155 -18.42 7.01 6.10
C LEU A 155 -17.36 7.65 6.98
N ASN A 156 -16.29 8.16 6.35
CA ASN A 156 -15.25 8.91 7.02
C ASN A 156 -15.23 10.29 6.34
N ASN A 157 -16.26 11.09 6.60
CA ASN A 157 -16.43 12.42 6.03
C ASN A 157 -16.89 13.45 7.09
N SER A 158 -16.65 13.16 8.35
CA SER A 158 -17.14 13.99 9.44
C SER A 158 -16.11 14.99 9.97
N ALA A 159 -16.60 16.17 10.36
CA ALA A 159 -15.80 17.18 11.04
C ALA A 159 -15.26 16.63 12.39
N SER A 160 -15.93 15.64 12.99
CA SER A 160 -15.51 15.04 14.27
C SER A 160 -14.40 13.96 14.11
N GLN A 161 -13.98 13.66 12.88
CA GLN A 161 -12.96 12.64 12.60
C GLN A 161 -11.78 13.29 11.85
N ILE A 162 -10.65 12.56 11.74
CA ILE A 162 -9.58 12.97 10.85
C ILE A 162 -10.02 12.44 9.47
N THR A 163 -10.03 13.31 8.46
CA THR A 163 -10.45 12.89 7.11
C THR A 163 -9.32 13.08 6.06
N ASP A 164 -8.19 13.65 6.46
CA ASP A 164 -7.08 13.86 5.54
C ASP A 164 -6.13 12.66 5.69
N ILE A 165 -6.09 11.77 4.68
CA ILE A 165 -5.21 10.59 4.76
C ILE A 165 -3.72 10.96 4.84
N THR A 166 -3.33 12.21 4.48
CA THR A 166 -1.93 12.61 4.62
C THR A 166 -1.58 13.02 6.08
N HIS A 167 -2.58 13.15 6.97
CA HIS A 167 -2.32 13.49 8.38
C HIS A 167 -1.69 12.26 9.05
N ARG A 168 -0.62 12.45 9.81
CA ARG A 168 0.11 11.34 10.45
C ARG A 168 -0.75 10.47 11.41
N ASP A 169 -1.87 11.01 11.92
CA ASP A 169 -2.75 10.26 12.81
C ASP A 169 -4.04 9.75 12.15
N TRP A 170 -4.19 9.93 10.81
CA TRP A 170 -5.42 9.47 10.14
C TRP A 170 -5.68 7.98 10.35
N PHE A 171 -4.67 7.15 10.06
CA PHE A 171 -4.81 5.72 10.17
C PHE A 171 -5.20 5.28 11.60
N SER A 172 -4.54 5.84 12.61
CA SER A 172 -4.89 5.50 14.01
C SER A 172 -6.31 5.93 14.35
N ASN A 173 -6.73 7.09 13.83
CA ASN A 173 -8.06 7.62 14.11
C ASN A 173 -9.14 6.71 13.51
N GLN A 174 -8.91 6.17 12.30
CA GLN A 174 -9.92 5.41 11.61
C GLN A 174 -9.76 3.91 11.51
N LYS A 175 -8.61 3.35 11.90
CA LYS A 175 -8.36 1.91 11.68
C LYS A 175 -9.43 0.97 12.26
N ASN A 176 -10.04 1.28 13.42
CA ASN A 176 -11.09 0.40 13.96
C ASN A 176 -12.37 0.38 13.10
N ARG A 177 -12.51 1.33 12.16
CA ARG A 177 -13.67 1.40 11.27
C ARG A 177 -13.36 0.88 9.86
N ILE A 178 -12.08 0.79 9.48
CA ILE A 178 -11.71 0.31 8.16
C ILE A 178 -11.82 -1.21 8.15
N PRO A 179 -12.60 -1.78 7.22
CA PRO A 179 -12.67 -3.24 7.13
C PRO A 179 -11.28 -3.82 6.81
N ASN A 180 -10.92 -4.91 7.49
CA ASN A 180 -9.62 -5.52 7.27
C ASN A 180 -9.64 -6.63 6.18
N ASP A 181 -10.78 -6.77 5.45
CA ASP A 181 -10.99 -7.81 4.44
C ASP A 181 -11.19 -7.24 3.03
N ALA A 182 -10.67 -6.03 2.77
CA ALA A 182 -10.89 -5.41 1.46
C ALA A 182 -10.29 -6.23 0.32
N ASP A 183 -11.05 -6.36 -0.77
CA ASP A 183 -10.51 -6.96 -1.98
C ASP A 183 -10.07 -5.86 -2.97
N ILE A 184 -10.52 -4.60 -2.77
CA ILE A 184 -10.05 -3.50 -3.60
C ILE A 184 -9.80 -2.27 -2.73
N ILE A 185 -8.68 -1.57 -2.99
CA ILE A 185 -8.40 -0.29 -2.33
C ILE A 185 -8.22 0.72 -3.45
N THR A 186 -8.85 1.91 -3.35
CA THR A 186 -8.65 2.97 -4.33
C THR A 186 -8.23 4.26 -3.62
N MET A 187 -7.44 5.10 -4.29
CA MET A 187 -7.03 6.38 -3.70
C MET A 187 -7.06 7.37 -4.88
N ASP A 188 -8.05 8.29 -4.89
CA ASP A 188 -8.34 9.12 -6.07
C ASP A 188 -8.04 10.59 -5.90
N ALA A 189 -7.12 10.94 -4.98
CA ALA A 189 -6.87 12.35 -4.67
C ALA A 189 -6.39 13.17 -5.84
N GLU A 190 -6.97 14.35 -5.99
CA GLU A 190 -6.51 15.31 -6.95
C GLU A 190 -5.54 16.25 -6.18
N THR A 191 -4.38 16.50 -6.75
CA THR A 191 -3.43 17.47 -6.20
C THR A 191 -2.98 18.36 -7.38
N THR A 192 -2.31 19.48 -7.08
CA THR A 192 -1.71 20.29 -8.13
C THR A 192 -0.57 19.49 -8.82
N GLU A 193 -0.27 19.83 -10.06
CA GLU A 193 0.83 19.22 -10.81
C GLU A 193 2.16 19.52 -10.08
N ASN A 194 3.14 18.62 -10.22
CA ASN A 194 4.47 18.72 -9.60
C ASN A 194 4.49 18.45 -8.09
N LEU A 195 3.35 18.45 -7.41
CA LEU A 195 3.34 18.22 -5.97
C LEU A 195 3.72 16.77 -5.59
N ASP A 196 4.57 16.59 -4.58
CA ASP A 196 4.93 15.25 -4.11
C ASP A 196 3.71 14.61 -3.44
N ARG A 197 3.22 13.52 -4.03
CA ARG A 197 2.07 12.80 -3.53
C ARG A 197 2.42 11.60 -2.64
N SER A 198 3.71 11.47 -2.25
CA SER A 198 4.17 10.33 -1.44
C SER A 198 3.32 10.04 -0.22
N ARG A 199 2.88 11.09 0.52
CA ARG A 199 2.07 10.85 1.74
C ARG A 199 0.67 10.25 1.45
N LEU A 200 0.11 10.52 0.25
CA LEU A 200 -1.16 9.91 -0.16
C LEU A 200 -0.91 8.42 -0.40
N TYR A 201 0.18 8.09 -1.13
CA TYR A 201 0.53 6.67 -1.40
C TYR A 201 0.88 5.96 -0.09
N GLU A 202 1.50 6.68 0.85
CA GLU A 202 1.88 6.13 2.15
C GLU A 202 0.67 5.65 2.96
N ALA A 203 -0.48 6.34 2.86
CA ALA A 203 -1.69 5.91 3.56
C ALA A 203 -2.12 4.52 3.04
N VAL A 204 -2.00 4.29 1.72
CA VAL A 204 -2.34 3.00 1.12
C VAL A 204 -1.33 1.93 1.57
N TYR A 205 -0.05 2.29 1.58
CA TYR A 205 1.02 1.36 2.04
C TYR A 205 0.77 0.96 3.52
N THR A 206 0.32 1.91 4.34
CA THR A 206 0.01 1.65 5.76
C THR A 206 -1.11 0.63 5.88
N ILE A 207 -2.17 0.80 5.08
CA ILE A 207 -3.28 -0.16 5.10
C ILE A 207 -2.83 -1.53 4.65
N ILE A 208 -2.08 -1.61 3.55
CA ILE A 208 -1.62 -2.90 3.04
C ILE A 208 -0.69 -3.64 4.05
N CYS A 209 0.23 -2.91 4.69
CA CYS A 209 1.18 -3.54 5.61
C CYS A 209 0.63 -3.80 7.00
N ASN A 210 -0.54 -3.25 7.35
CA ASN A 210 -1.07 -3.42 8.71
C ASN A 210 -2.47 -3.96 8.82
N HIS A 211 -3.27 -3.81 7.78
CA HIS A 211 -4.72 -3.95 7.87
C HIS A 211 -5.43 -4.55 6.64
N ILE A 212 -4.87 -5.58 6.07
CA ILE A 212 -5.53 -6.31 4.98
C ILE A 212 -5.35 -7.78 5.28
N ASN A 213 -6.18 -8.60 4.65
CA ASN A 213 -5.98 -10.03 4.68
C ASN A 213 -5.24 -10.27 3.37
N PRO A 214 -3.96 -10.71 3.44
CA PRO A 214 -3.20 -10.97 2.20
C PRO A 214 -3.86 -11.97 1.25
N LYS A 215 -4.72 -12.86 1.78
CA LYS A 215 -5.41 -13.82 0.92
C LYS A 215 -6.58 -13.19 0.14
N THR A 216 -7.10 -12.02 0.58
CA THR A 216 -8.27 -11.45 -0.09
C THR A 216 -8.01 -10.18 -0.93
N LEU A 217 -6.96 -9.41 -0.64
CA LEU A 217 -6.68 -8.20 -1.42
C LEU A 217 -6.35 -8.55 -2.87
N LYS A 218 -7.13 -8.01 -3.81
CA LYS A 218 -6.91 -8.32 -5.23
C LYS A 218 -6.40 -7.15 -6.05
N VAL A 219 -6.96 -5.95 -5.84
CA VAL A 219 -6.61 -4.80 -6.67
C VAL A 219 -6.35 -3.55 -5.85
N VAL A 220 -5.32 -2.79 -6.22
CA VAL A 220 -5.06 -1.49 -5.62
C VAL A 220 -4.99 -0.46 -6.76
N ILE A 221 -5.84 0.59 -6.74
CA ILE A 221 -5.85 1.59 -7.80
C ILE A 221 -5.42 2.92 -7.22
N LEU A 222 -4.41 3.55 -7.81
CA LEU A 222 -3.99 4.86 -7.35
C LEU A 222 -4.09 5.83 -8.51
N LYS A 223 -4.71 7.00 -8.28
CA LYS A 223 -4.57 8.11 -9.21
C LYS A 223 -3.13 8.64 -8.96
N VAL A 224 -2.38 8.83 -10.02
CA VAL A 224 -1.01 9.36 -9.92
C VAL A 224 -0.85 10.56 -10.86
N PHE A 225 0.19 11.38 -10.65
CA PHE A 225 0.51 12.46 -11.56
C PHE A 225 1.93 12.19 -12.04
N LEU A 226 2.12 12.05 -13.35
CA LEU A 226 3.45 11.78 -13.88
C LEU A 226 4.40 13.00 -13.79
N SER A 227 3.88 14.19 -13.47
CA SER A 227 4.73 15.35 -13.20
C SER A 227 5.39 15.24 -11.80
N ASP A 228 4.90 14.33 -10.94
CA ASP A 228 5.43 14.12 -9.60
C ASP A 228 6.37 12.90 -9.63
N LEU A 229 7.62 13.12 -10.00
CA LEU A 229 8.61 12.04 -10.06
C LEU A 229 9.01 11.49 -8.70
N ASP A 230 9.03 12.32 -7.65
CA ASP A 230 9.36 11.83 -6.31
C ASP A 230 8.31 10.80 -5.84
N GLY A 231 7.04 11.11 -6.08
CA GLY A 231 5.94 10.23 -5.71
C GLY A 231 5.94 8.94 -6.53
N MET A 232 6.26 9.05 -7.83
CA MET A 232 6.34 7.85 -8.69
C MET A 232 7.48 6.94 -8.19
N CYS A 233 8.63 7.54 -7.87
CA CYS A 233 9.76 6.76 -7.38
C CYS A 233 9.48 6.17 -5.99
N TRP A 234 8.67 6.86 -5.15
CA TRP A 234 8.24 6.37 -3.84
C TRP A 234 7.40 5.09 -4.06
N ILE A 235 6.44 5.12 -5.03
CA ILE A 235 5.64 3.92 -5.34
C ILE A 235 6.57 2.78 -5.77
N ASN A 236 7.55 3.09 -6.61
CA ASN A 236 8.49 2.06 -7.08
C ASN A 236 9.27 1.43 -5.91
N ASN A 237 9.64 2.25 -4.91
CA ASN A 237 10.39 1.74 -3.77
C ASN A 237 9.54 0.99 -2.74
N TYR A 238 8.32 1.47 -2.46
CA TYR A 238 7.46 0.94 -1.39
C TYR A 238 6.35 -0.02 -1.81
N LEU A 239 5.47 0.43 -2.72
CA LEU A 239 4.26 -0.30 -3.09
C LEU A 239 4.42 -1.29 -4.20
N ALA A 240 5.01 -0.89 -5.33
CA ALA A 240 5.17 -1.78 -6.48
C ALA A 240 5.84 -3.13 -6.13
N PRO A 241 6.89 -3.19 -5.28
CA PRO A 241 7.51 -4.50 -4.98
C PRO A 241 6.58 -5.48 -4.26
N MET A 242 5.47 -5.01 -3.68
CA MET A 242 4.52 -5.89 -3.03
C MET A 242 3.61 -6.65 -4.00
N PHE A 243 3.61 -6.27 -5.29
CA PHE A 243 2.71 -6.84 -6.28
C PHE A 243 3.43 -7.45 -7.45
N GLY A 244 2.82 -8.48 -8.04
CA GLY A 244 3.38 -9.14 -9.21
C GLY A 244 3.03 -8.44 -10.51
N SER A 245 1.98 -7.58 -10.52
CA SER A 245 1.58 -6.86 -11.73
C SER A 245 1.33 -5.39 -11.40
N GLY A 246 1.67 -4.52 -12.32
CA GLY A 246 1.44 -3.09 -12.17
C GLY A 246 1.39 -2.45 -13.53
N TYR A 247 0.29 -1.74 -13.83
CA TYR A 247 0.12 -1.05 -15.10
C TYR A 247 -0.27 0.38 -14.89
N LEU A 248 0.29 1.29 -15.69
CA LEU A 248 -0.11 2.69 -15.76
C LEU A 248 -1.16 2.76 -16.87
N ILE A 249 -2.30 3.37 -16.60
CA ILE A 249 -3.40 3.48 -17.56
C ILE A 249 -3.82 4.92 -17.69
N LYS A 250 -4.00 5.39 -18.93
CA LYS A 250 -4.46 6.74 -19.18
C LYS A 250 -5.84 6.60 -19.83
N PRO A 251 -6.93 6.75 -19.06
CA PRO A 251 -8.27 6.60 -19.65
C PRO A 251 -8.52 7.60 -20.77
N ILE A 252 -9.37 7.23 -21.74
CA ILE A 252 -9.72 8.17 -22.82
C ILE A 252 -10.46 9.39 -22.22
N THR A 253 -11.16 9.19 -21.07
CA THR A 253 -11.87 10.26 -20.37
C THR A 253 -10.98 11.09 -19.42
N SER A 254 -9.67 10.87 -19.44
CA SER A 254 -8.72 11.64 -18.65
C SER A 254 -8.12 12.69 -19.58
N SER A 255 -8.06 13.94 -19.11
CA SER A 255 -7.55 15.08 -19.89
C SER A 255 -6.22 14.85 -20.59
N ALA A 256 -6.17 15.23 -21.87
CA ALA A 256 -4.98 15.15 -22.71
C ALA A 256 -3.85 16.05 -22.20
N LYS A 257 -4.17 17.14 -21.52
CA LYS A 257 -3.16 18.08 -21.02
C LYS A 257 -2.67 17.79 -19.60
N SER A 258 -3.39 16.95 -18.85
CA SER A 258 -3.04 16.66 -17.47
C SER A 258 -2.06 15.50 -17.41
N SER A 259 -1.10 15.50 -16.44
CA SER A 259 -0.24 14.32 -16.29
C SER A 259 -0.94 13.23 -15.42
N GLU A 260 -2.25 13.38 -15.16
CA GLU A 260 -2.99 12.39 -14.39
C GLU A 260 -3.02 11.05 -15.14
N TRP A 261 -2.64 9.97 -14.44
CA TRP A 261 -2.73 8.60 -14.93
C TRP A 261 -3.28 7.78 -13.74
N TYR A 262 -3.57 6.49 -13.96
CA TYR A 262 -3.93 5.61 -12.88
C TYR A 262 -2.96 4.44 -12.85
N LEU A 263 -2.61 3.99 -11.66
CA LEU A 263 -1.76 2.82 -11.50
C LEU A 263 -2.62 1.69 -10.96
N CYS A 264 -2.65 0.56 -11.67
CA CYS A 264 -3.43 -0.59 -11.25
C CYS A 264 -2.46 -1.70 -10.81
N LEU A 265 -2.36 -1.93 -9.50
CA LEU A 265 -1.50 -2.97 -8.92
C LEU A 265 -2.36 -4.19 -8.59
N SER A 266 -1.86 -5.39 -8.89
CA SER A 266 -2.62 -6.60 -8.60
C SER A 266 -1.64 -7.77 -8.34
N ASN A 267 -2.17 -8.92 -7.94
CA ASN A 267 -1.36 -10.10 -7.66
C ASN A 267 -0.40 -9.83 -6.51
N LEU A 268 -0.96 -9.52 -5.32
CA LEU A 268 -0.16 -9.29 -4.12
C LEU A 268 0.73 -10.54 -3.87
N LEU A 269 2.04 -10.34 -3.77
CA LEU A 269 2.98 -11.46 -3.68
C LEU A 269 2.96 -12.19 -2.34
N SER A 270 3.00 -13.55 -2.39
CA SER A 270 2.98 -14.32 -1.14
C SER A 270 4.35 -14.32 -0.41
N THR A 271 5.44 -13.95 -1.12
CA THR A 271 6.76 -13.76 -0.51
C THR A 271 7.08 -12.25 -0.64
N LEU A 272 7.31 -11.59 0.49
CA LEU A 272 7.60 -10.17 0.55
C LEU A 272 9.02 -9.90 0.03
N ARG A 273 9.12 -9.22 -1.11
CA ARG A 273 10.40 -8.89 -1.74
C ARG A 273 11.22 -7.97 -0.85
N THR A 274 12.54 -8.17 -0.82
CA THR A 274 13.42 -7.27 -0.08
C THR A 274 14.23 -6.35 -1.02
N THR A 275 13.78 -6.24 -2.28
CA THR A 275 14.36 -5.38 -3.29
C THR A 275 13.26 -4.95 -4.26
N GLN A 276 13.48 -3.83 -4.94
CA GLN A 276 12.52 -3.30 -5.88
C GLN A 276 12.46 -4.19 -7.13
N HIS A 277 11.39 -4.05 -7.91
CA HIS A 277 11.29 -4.76 -9.20
C HIS A 277 12.25 -4.13 -10.23
N GLN A 278 12.55 -2.83 -10.09
CA GLN A 278 13.40 -2.12 -11.04
C GLN A 278 14.08 -0.93 -10.35
N THR A 279 15.13 -0.42 -10.98
CA THR A 279 15.85 0.72 -10.44
C THR A 279 15.04 2.00 -10.64
N GLN A 280 15.44 3.08 -9.93
CA GLN A 280 14.84 4.40 -10.12
C GLN A 280 15.04 4.83 -11.59
N ALA A 281 16.20 4.50 -12.19
CA ALA A 281 16.42 4.87 -13.61
C ALA A 281 15.39 4.18 -14.51
N ASN A 282 15.09 2.87 -14.27
CA ASN A 282 14.11 2.14 -15.06
C ASN A 282 12.72 2.78 -14.86
N CYS A 283 12.40 3.18 -13.61
CA CYS A 283 11.10 3.81 -13.29
C CYS A 283 10.97 5.15 -14.03
N LEU A 284 12.03 5.96 -14.03
CA LEU A 284 12.00 7.24 -14.75
C LEU A 284 11.79 7.02 -16.26
N HIS A 285 12.43 5.97 -16.80
CA HIS A 285 12.28 5.64 -18.23
C HIS A 285 10.83 5.25 -18.56
N VAL A 286 10.17 4.48 -17.66
CA VAL A 286 8.77 4.09 -17.82
C VAL A 286 7.89 5.34 -17.85
N VAL A 287 8.13 6.27 -16.92
CA VAL A 287 7.37 7.53 -16.88
C VAL A 287 7.57 8.32 -18.19
N GLN A 288 8.79 8.38 -18.69
CA GLN A 288 9.08 9.07 -19.95
C GLN A 288 8.32 8.39 -21.12
N CYS A 289 8.34 7.05 -21.17
CA CYS A 289 7.59 6.29 -22.19
C CYS A 289 6.10 6.54 -22.15
N ALA A 290 5.52 6.58 -20.93
CA ALA A 290 4.09 6.84 -20.78
C ALA A 290 3.76 8.24 -21.28
N LEU A 291 4.58 9.23 -20.92
CA LEU A 291 4.34 10.60 -21.36
C LEU A 291 4.52 10.74 -22.88
N GLN A 292 5.44 9.98 -23.48
CA GLN A 292 5.63 9.99 -24.94
C GLN A 292 4.37 9.44 -25.60
N GLN A 293 3.79 8.37 -25.05
CA GLN A 293 2.55 7.81 -25.60
C GLN A 293 1.36 8.78 -25.43
N GLN A 294 1.33 9.54 -24.33
CA GLN A 294 0.28 10.54 -24.11
C GLN A 294 0.40 11.72 -25.11
N VAL A 295 1.63 12.20 -25.37
CA VAL A 295 1.85 13.29 -26.34
C VAL A 295 1.38 12.86 -27.73
N GLN A 296 1.72 11.62 -28.11
CA GLN A 296 1.30 11.01 -29.35
C GLN A 296 -0.24 10.95 -29.47
N ARG A 297 -0.95 10.54 -28.42
CA ARG A 297 -2.43 10.45 -28.43
C ARG A 297 -3.08 11.84 -28.58
N GLY A 298 -2.62 12.79 -27.76
CA GLY A 298 -3.16 14.15 -27.74
C GLY A 298 -2.90 14.89 -29.02
N SER A 299 -1.73 14.66 -29.65
CA SER A 299 -1.37 15.32 -30.91
C SER A 299 -2.26 14.81 -32.04
N TYR A 300 -2.59 13.50 -32.05
CA TYR A 300 -3.50 12.94 -33.04
C TYR A 300 -4.97 13.42 -32.84
N TRP A 301 -5.29 13.91 -31.63
CA TRP A 301 -6.51 14.54 -31.14
C TRP A 301 -7.60 13.55 -30.78
N LEU A 302 -7.54 13.04 -29.56
CA LEU A 302 -8.51 12.11 -29.03
C LEU A 302 -8.54 12.14 -27.48
N HIS A 303 -9.63 12.68 -26.92
CA HIS A 303 -9.88 12.77 -25.49
C HIS A 303 -11.42 12.91 -25.35
N HIS A 304 -12.07 11.92 -24.72
CA HIS A 304 -13.52 11.93 -24.57
C HIS A 304 -13.99 12.58 -23.28
N LEU A 305 -15.04 13.41 -23.36
CA LEU A 305 -15.60 14.06 -22.18
C LEU A 305 -17.09 14.38 -22.43
N THR A 306 -17.39 15.05 -23.57
CA THR A 306 -18.74 15.42 -23.96
C THR A 306 -18.78 15.66 -25.47
N ASP B 1 7.67 7.14 17.14
CA ASP B 1 8.57 6.30 17.91
C ASP B 1 7.96 4.92 18.12
N VAL B 2 8.82 3.89 18.08
CA VAL B 2 8.40 2.51 18.31
C VAL B 2 9.30 1.91 19.38
N GLN B 3 8.72 1.22 20.36
CA GLN B 3 9.48 0.53 21.42
C GLN B 3 9.31 -0.96 21.24
N LEU B 4 10.39 -1.72 21.35
CA LEU B 4 10.38 -3.16 21.14
C LEU B 4 11.01 -3.87 22.32
N VAL B 5 10.36 -4.94 22.80
CA VAL B 5 10.86 -5.72 23.93
C VAL B 5 10.83 -7.21 23.57
N GLU B 6 12.00 -7.85 23.49
CA GLU B 6 12.08 -9.28 23.22
C GLU B 6 12.07 -10.09 24.50
N SER B 7 11.51 -11.30 24.44
CA SER B 7 11.49 -12.25 25.54
C SER B 7 11.43 -13.70 24.97
N GLY B 8 11.60 -14.70 25.82
CA GLY B 8 11.55 -16.09 25.39
C GLY B 8 12.88 -16.76 25.13
N GLY B 9 13.97 -16.01 25.27
CA GLY B 9 15.30 -16.57 25.07
C GLY B 9 15.79 -17.36 26.27
N GLY B 10 17.04 -17.78 26.22
CA GLY B 10 17.65 -18.53 27.30
C GLY B 10 18.49 -19.69 26.84
N SER B 11 18.82 -20.56 27.79
CA SER B 11 19.65 -21.74 27.54
C SER B 11 18.77 -22.90 27.13
N VAL B 12 19.23 -23.66 26.14
CA VAL B 12 18.45 -24.79 25.63
C VAL B 12 19.40 -25.87 25.15
N GLN B 13 19.02 -27.12 25.38
CA GLN B 13 19.80 -28.26 24.93
C GLN B 13 19.73 -28.36 23.40
N ALA B 14 20.79 -28.87 22.73
CA ALA B 14 20.76 -29.08 21.26
C ALA B 14 19.60 -30.02 20.89
N GLY B 15 18.88 -29.67 19.84
CA GLY B 15 17.70 -30.39 19.40
C GLY B 15 16.41 -29.79 19.95
N GLY B 16 16.51 -28.94 20.97
CA GLY B 16 15.35 -28.34 21.59
C GLY B 16 14.78 -27.15 20.85
N SER B 17 13.72 -26.58 21.40
CA SER B 17 13.07 -25.43 20.80
C SER B 17 12.95 -24.27 21.76
N LEU B 18 12.78 -23.08 21.19
CA LEU B 18 12.50 -21.84 21.90
C LEU B 18 11.44 -21.09 21.09
N ARG B 19 10.69 -20.23 21.75
CA ARG B 19 9.74 -19.37 21.04
C ARG B 19 9.98 -17.96 21.52
N LEU B 20 10.58 -17.14 20.66
CA LEU B 20 10.83 -15.75 21.03
C LEU B 20 9.60 -14.90 20.75
N SER B 21 9.41 -13.86 21.56
CA SER B 21 8.31 -12.90 21.38
C SER B 21 8.91 -11.51 21.30
N CYS B 22 8.27 -10.62 20.55
CA CYS B 22 8.70 -9.23 20.47
C CYS B 22 7.44 -8.40 20.64
N ALA B 23 7.29 -7.76 21.79
CA ALA B 23 6.13 -6.93 22.09
C ALA B 23 6.46 -5.52 21.59
N ALA B 24 5.65 -5.01 20.69
CA ALA B 24 5.87 -3.69 20.11
C ALA B 24 4.85 -2.68 20.63
N SER B 25 5.27 -1.43 20.78
CA SER B 25 4.39 -0.35 21.21
C SER B 25 4.78 0.94 20.52
N GLY B 26 3.88 1.91 20.53
CA GLY B 26 4.12 3.18 19.87
C GLY B 26 3.47 3.19 18.50
N ARG B 27 4.10 3.90 17.56
CA ARG B 27 3.56 4.06 16.21
C ARG B 27 3.98 2.89 15.31
N THR B 28 3.61 1.67 15.73
CA THR B 28 3.98 0.43 15.05
C THR B 28 3.59 0.40 13.58
N PHE B 29 2.43 0.99 13.25
CA PHE B 29 1.94 1.04 11.88
C PHE B 29 2.89 1.81 10.94
N SER B 30 3.70 2.74 11.48
CA SER B 30 4.62 3.56 10.65
C SER B 30 5.93 2.80 10.31
N ARG B 31 6.23 1.70 11.02
CA ARG B 31 7.40 0.88 10.73
C ARG B 31 6.84 -0.55 10.73
N PRO B 32 6.07 -0.91 9.69
CA PRO B 32 5.29 -2.15 9.77
C PRO B 32 5.99 -3.41 9.32
N VAL B 33 7.29 -3.35 9.04
CA VAL B 33 8.02 -4.56 8.65
C VAL B 33 8.79 -4.98 9.90
N MET B 34 8.40 -6.11 10.48
CA MET B 34 9.01 -6.58 11.73
C MET B 34 9.97 -7.70 11.41
N ALA B 35 11.25 -7.51 11.74
CA ALA B 35 12.28 -8.44 11.40
C ALA B 35 12.96 -9.01 12.61
N TRP B 36 13.46 -10.23 12.47
CA TRP B 36 14.31 -10.86 13.45
C TRP B 36 15.70 -10.88 12.88
N PHE B 37 16.66 -10.48 13.69
CA PHE B 37 18.09 -10.51 13.39
C PHE B 37 18.77 -11.28 14.51
N ARG B 38 19.96 -11.81 14.25
CA ARG B 38 20.76 -12.44 15.29
C ARG B 38 22.22 -12.08 15.11
N GLN B 39 22.94 -11.96 16.21
CA GLN B 39 24.35 -11.62 16.17
C GLN B 39 25.13 -12.54 17.09
N ALA B 40 25.94 -13.42 16.49
CA ALA B 40 26.80 -14.36 17.21
C ALA B 40 28.07 -13.61 17.67
N PRO B 41 28.80 -14.10 18.70
CA PRO B 41 30.00 -13.38 19.13
C PRO B 41 31.02 -13.15 18.01
N GLY B 42 31.49 -11.91 17.88
CA GLY B 42 32.46 -11.52 16.87
C GLY B 42 31.95 -11.51 15.44
N LYS B 43 30.68 -11.86 15.23
CA LYS B 43 30.09 -11.90 13.90
C LYS B 43 29.21 -10.67 13.62
N GLU B 44 28.88 -10.44 12.35
CA GLU B 44 28.00 -9.34 11.97
C GLU B 44 26.52 -9.71 12.23
N ARG B 45 25.62 -8.70 12.26
CA ARG B 45 24.19 -8.96 12.46
C ARG B 45 23.60 -9.61 11.22
N GLU B 46 23.03 -10.80 11.40
CA GLU B 46 22.45 -11.62 10.34
C GLU B 46 20.92 -11.51 10.30
N PHE B 47 20.37 -11.16 9.13
CA PHE B 47 18.93 -11.13 8.91
C PHE B 47 18.41 -12.57 9.01
N VAL B 48 17.30 -12.78 9.73
CA VAL B 48 16.71 -14.12 9.85
C VAL B 48 15.52 -14.21 8.91
N VAL B 49 14.51 -13.34 9.12
CA VAL B 49 13.27 -13.30 8.35
C VAL B 49 12.48 -12.08 8.85
N ALA B 50 11.54 -11.62 8.04
CA ALA B 50 10.68 -10.51 8.43
C ALA B 50 9.25 -10.77 8.01
N ILE B 51 8.30 -10.04 8.63
CA ILE B 51 6.89 -10.15 8.30
C ILE B 51 6.25 -8.77 8.46
N THR B 52 5.25 -8.44 7.63
CA THR B 52 4.50 -7.20 7.87
C THR B 52 3.51 -7.49 9.03
N TRP B 53 2.95 -6.43 9.66
CA TRP B 53 1.89 -6.64 10.65
C TRP B 53 0.67 -7.35 10.01
N SER B 54 0.46 -7.15 8.69
CA SER B 54 -0.62 -7.81 7.95
C SER B 54 -0.35 -9.30 7.67
N GLY B 55 0.85 -9.79 7.95
CA GLY B 55 1.16 -11.21 7.83
C GLY B 55 1.90 -11.66 6.59
N ILE B 56 2.52 -10.73 5.84
CA ILE B 56 3.26 -11.10 4.64
C ILE B 56 4.73 -11.33 5.00
N ARG B 57 5.23 -12.54 4.77
CA ARG B 57 6.60 -12.88 5.13
C ARG B 57 7.59 -12.75 4.00
N THR B 58 8.82 -12.39 4.35
CA THR B 58 9.92 -12.46 3.42
C THR B 58 10.36 -13.96 3.39
N SER B 59 11.28 -14.32 2.48
CA SER B 59 11.88 -15.63 2.53
C SER B 59 12.85 -15.64 3.76
N TYR B 60 13.15 -16.84 4.23
CA TYR B 60 13.98 -17.04 5.42
C TYR B 60 15.42 -17.18 5.03
N ALA B 61 16.35 -16.83 5.94
CA ALA B 61 17.78 -17.06 5.72
C ALA B 61 18.01 -18.57 5.54
N ASP B 62 18.86 -18.97 4.57
CA ASP B 62 19.16 -20.37 4.29
C ASP B 62 19.58 -21.15 5.53
N SER B 63 20.27 -20.47 6.48
CA SER B 63 20.76 -21.12 7.70
C SER B 63 19.64 -21.59 8.64
N VAL B 64 18.41 -21.06 8.47
CA VAL B 64 17.28 -21.42 9.35
C VAL B 64 16.10 -22.09 8.64
N LYS B 65 16.21 -22.31 7.31
CA LYS B 65 15.12 -22.93 6.55
C LYS B 65 14.69 -24.28 7.10
N GLY B 66 13.38 -24.47 7.23
CA GLY B 66 12.81 -25.70 7.78
C GLY B 66 12.90 -25.84 9.29
N ARG B 67 13.43 -24.82 9.97
CA ARG B 67 13.58 -24.90 11.43
C ARG B 67 12.91 -23.75 12.15
N PHE B 68 13.03 -22.52 11.59
CA PHE B 68 12.46 -21.33 12.22
C PHE B 68 11.19 -20.85 11.52
N THR B 69 10.25 -20.28 12.26
CA THR B 69 9.02 -19.77 11.67
C THR B 69 8.63 -18.47 12.30
N ILE B 70 8.38 -17.43 11.49
CA ILE B 70 7.91 -16.16 12.02
C ILE B 70 6.38 -16.12 11.95
N SER B 71 5.75 -15.44 12.89
CA SER B 71 4.30 -15.26 12.91
C SER B 71 3.97 -13.97 13.67
N VAL B 72 2.73 -13.51 13.54
CA VAL B 72 2.32 -12.27 14.17
C VAL B 72 0.93 -12.39 14.80
N ASP B 73 0.74 -11.69 15.93
CA ASP B 73 -0.56 -11.50 16.53
C ASP B 73 -0.74 -9.98 16.48
N ASN B 74 -1.34 -9.49 15.39
CA ASN B 74 -1.55 -8.08 15.13
C ASN B 74 -2.37 -7.41 16.24
N ALA B 75 -3.40 -8.10 16.77
CA ALA B 75 -4.24 -7.58 17.84
C ALA B 75 -3.46 -7.35 19.15
N LYS B 76 -2.38 -8.13 19.37
CA LYS B 76 -1.52 -8.02 20.55
C LYS B 76 -0.24 -7.22 20.28
N ASP B 77 -0.02 -6.73 19.03
CA ASP B 77 1.19 -6.01 18.61
C ASP B 77 2.44 -6.84 18.96
N THR B 78 2.37 -8.15 18.71
CA THR B 78 3.48 -9.04 19.02
C THR B 78 3.87 -9.87 17.81
N VAL B 79 5.16 -10.08 17.62
CA VAL B 79 5.73 -10.92 16.56
C VAL B 79 6.46 -12.07 17.26
N TYR B 80 6.40 -13.25 16.67
CA TYR B 80 7.00 -14.44 17.27
C TYR B 80 8.01 -15.07 16.35
N LEU B 81 8.98 -15.78 16.95
CA LEU B 81 9.94 -16.54 16.18
C LEU B 81 10.03 -17.93 16.84
N GLN B 82 9.45 -18.93 16.18
CA GLN B 82 9.50 -20.32 16.64
C GLN B 82 10.83 -20.87 16.16
N MET B 83 11.65 -21.38 17.09
CA MET B 83 12.98 -21.87 16.73
C MET B 83 13.10 -23.33 17.08
N ASN B 84 13.11 -24.21 16.08
CA ASN B 84 13.18 -25.66 16.30
C ASN B 84 14.53 -26.26 15.92
N SER B 85 14.80 -27.51 16.40
CA SER B 85 16.00 -28.30 16.11
C SER B 85 17.26 -27.46 16.27
N LEU B 86 17.36 -26.77 17.42
CA LEU B 86 18.44 -25.83 17.67
C LEU B 86 19.78 -26.50 17.77
N LYS B 87 20.80 -25.81 17.26
CA LYS B 87 22.17 -26.35 17.34
C LYS B 87 23.12 -25.28 17.89
N PRO B 88 24.32 -25.66 18.38
CA PRO B 88 25.23 -24.65 18.95
C PRO B 88 25.50 -23.45 18.05
N GLU B 89 25.50 -23.64 16.72
CA GLU B 89 25.68 -22.54 15.75
C GLU B 89 24.56 -21.47 15.84
N ASP B 90 23.41 -21.81 16.45
CA ASP B 90 22.32 -20.86 16.61
C ASP B 90 22.50 -19.92 17.81
N THR B 91 23.52 -20.16 18.66
CA THR B 91 23.83 -19.31 19.81
C THR B 91 24.15 -17.89 19.32
N ALA B 92 23.39 -16.91 19.80
CA ALA B 92 23.52 -15.51 19.39
C ALA B 92 22.58 -14.65 20.27
N VAL B 93 22.73 -13.32 20.19
CA VAL B 93 21.76 -12.42 20.77
C VAL B 93 20.75 -12.22 19.63
N TYR B 94 19.47 -12.44 19.89
CA TYR B 94 18.43 -12.30 18.88
C TYR B 94 17.70 -10.98 19.10
N TYR B 95 17.53 -10.22 18.04
CA TYR B 95 16.91 -8.90 18.11
C TYR B 95 15.68 -8.81 17.24
N CYS B 96 14.75 -8.04 17.69
CA CYS B 96 13.55 -7.68 16.95
C CYS B 96 13.81 -6.25 16.45
N ALA B 97 13.46 -5.96 15.19
CA ALA B 97 13.64 -4.63 14.61
C ALA B 97 12.42 -4.23 13.81
N ALA B 98 12.08 -2.94 13.81
CA ALA B 98 10.94 -2.43 13.07
C ALA B 98 11.45 -1.49 11.97
N GLY B 99 10.99 -1.72 10.74
CA GLY B 99 11.42 -0.90 9.62
C GLY B 99 10.28 -0.44 8.75
N ALA B 100 10.54 0.60 7.95
CA ALA B 100 9.55 1.10 7.01
C ALA B 100 9.42 0.17 5.79
N LEU B 101 10.52 -0.53 5.40
CA LEU B 101 10.60 -1.35 4.20
C LEU B 101 11.20 -2.72 4.47
N PRO B 102 10.83 -3.73 3.66
CA PRO B 102 11.42 -5.07 3.86
C PRO B 102 12.81 -5.06 3.25
N ARG B 103 13.82 -5.12 4.10
CA ARG B 103 15.22 -5.09 3.67
C ARG B 103 16.02 -6.07 4.52
N THR B 104 17.13 -6.60 3.99
CA THR B 104 17.93 -7.56 4.76
C THR B 104 19.05 -6.87 5.58
N ALA B 105 19.44 -5.63 5.21
CA ALA B 105 20.53 -4.97 5.92
C ALA B 105 20.04 -4.42 7.27
N HIS B 106 20.81 -4.67 8.36
CA HIS B 106 20.44 -4.16 9.69
C HIS B 106 20.28 -2.62 9.70
N TYR B 107 21.13 -1.92 8.94
CA TYR B 107 21.10 -0.46 8.94
C TYR B 107 19.84 0.13 8.29
N GLU B 108 18.99 -0.69 7.67
CA GLU B 108 17.71 -0.23 7.10
C GLU B 108 16.57 -0.19 8.15
N TYR B 109 16.85 -0.58 9.40
CA TYR B 109 15.88 -0.59 10.49
C TYR B 109 16.30 0.45 11.52
N ASP B 110 15.39 1.37 11.86
CA ASP B 110 15.72 2.44 12.81
C ASP B 110 15.25 2.16 14.25
N TYR B 111 14.46 1.10 14.48
CA TYR B 111 14.02 0.78 15.84
C TYR B 111 14.39 -0.64 16.16
N TRP B 112 14.99 -0.84 17.33
CA TRP B 112 15.49 -2.14 17.78
C TRP B 112 15.15 -2.41 19.21
N GLY B 113 14.97 -3.68 19.52
CA GLY B 113 14.87 -4.12 20.91
C GLY B 113 16.28 -4.26 21.47
N LEU B 114 16.40 -4.44 22.79
CA LEU B 114 17.71 -4.62 23.43
C LEU B 114 18.33 -6.02 23.19
N GLY B 115 17.54 -6.95 22.68
CA GLY B 115 17.97 -8.30 22.36
C GLY B 115 17.72 -9.31 23.45
N THR B 116 17.67 -10.58 23.08
CA THR B 116 17.53 -11.66 24.05
C THR B 116 18.59 -12.70 23.74
N GLN B 117 19.34 -13.12 24.74
CA GLN B 117 20.39 -14.11 24.56
C GLN B 117 19.81 -15.51 24.35
N VAL B 118 20.31 -16.24 23.35
CA VAL B 118 19.95 -17.63 23.12
C VAL B 118 21.25 -18.42 23.17
N THR B 119 21.33 -19.42 24.05
CA THR B 119 22.53 -20.25 24.19
C THR B 119 22.16 -21.71 23.99
N VAL B 120 22.67 -22.33 22.93
CA VAL B 120 22.40 -23.73 22.67
C VAL B 120 23.62 -24.54 23.05
N SER B 121 23.47 -25.44 24.01
CA SER B 121 24.59 -26.26 24.46
C SER B 121 24.75 -27.48 23.55
N SER B 122 25.98 -28.03 23.44
CA SER B 122 26.23 -29.17 22.56
C SER B 122 25.68 -30.47 23.13
#